data_3CYG
#
_entry.id   3CYG
#
_cell.length_a   42.228
_cell.length_b   72.794
_cell.length_c   166.359
_cell.angle_alpha   90.00
_cell.angle_beta   90.00
_cell.angle_gamma   90.00
#
_symmetry.space_group_name_H-M   'P 21 21 21'
#
loop_
_entity.id
_entity.type
_entity.pdbx_description
1 polymer 'Uncharacterized protein'
2 water water
#
_entity_poly.entity_id   1
_entity_poly.type   'polypeptide(L)'
_entity_poly.pdbx_seq_one_letter_code
;(MSE)SLR(MSE)KVFEIVKSSTENEIVRIHVELPRLKYLKDSNFEEKFNSEVEEKIKKFVNEVKGIAQEDHDKDVQHTP
YEAYVSVDVRYEGKDFLSFVVYYYQFTGGAHGITFFETYNIDLKNSKVLKLYDIIKEEAEDTIKSNILKQIEQNNTDFFP
DAP(MSE)NILKDDIFSREFTISKDGLII(MSE)YPHYDLAPYASG(MSE)PEFVIPWNVIEKFLKYDILSLLKEGHHHH
HH
;
_entity_poly.pdbx_strand_id   A,B
#
# COMPACT_ATOMS: atom_id res chain seq x y z
N LEU A 3 15.76 -36.46 -16.82
CA LEU A 3 15.94 -35.54 -15.66
C LEU A 3 14.85 -35.72 -14.59
N ARG A 4 15.03 -35.07 -13.45
CA ARG A 4 14.10 -35.16 -12.33
C ARG A 4 12.83 -34.33 -12.49
N MSE A 5 11.72 -34.87 -11.99
CA MSE A 5 10.39 -34.26 -12.01
C MSE A 5 10.43 -32.80 -11.56
O MSE A 5 11.00 -32.50 -10.51
CB MSE A 5 9.48 -35.08 -11.10
CG MSE A 5 8.04 -34.62 -10.95
SE MSE A 5 7.48 -34.67 -9.09
CE MSE A 5 7.26 -36.57 -8.84
N LYS A 6 9.82 -31.89 -12.32
CA LYS A 6 9.85 -30.49 -11.93
C LYS A 6 8.55 -29.91 -11.35
N VAL A 7 8.68 -29.30 -10.18
CA VAL A 7 7.56 -28.73 -9.44
C VAL A 7 7.22 -27.27 -9.73
N PHE A 8 7.85 -26.71 -10.75
CA PHE A 8 7.61 -25.33 -11.12
C PHE A 8 7.59 -25.19 -12.61
N GLU A 9 6.61 -24.45 -13.11
CA GLU A 9 6.50 -24.21 -14.55
C GLU A 9 6.00 -22.78 -14.77
N ILE A 10 6.18 -22.28 -15.98
CA ILE A 10 5.75 -20.94 -16.37
C ILE A 10 4.84 -21.04 -17.60
N VAL A 11 3.64 -20.52 -17.48
CA VAL A 11 2.69 -20.55 -18.58
C VAL A 11 2.70 -19.18 -19.26
N LYS A 12 3.11 -19.17 -20.53
CA LYS A 12 3.20 -17.93 -21.31
C LYS A 12 1.97 -17.67 -22.17
N SER A 13 1.63 -16.40 -22.33
CA SER A 13 0.47 -16.07 -23.14
C SER A 13 0.39 -14.58 -23.38
N SER A 14 0.10 -14.21 -24.62
CA SER A 14 -0.02 -12.80 -24.96
C SER A 14 -1.34 -12.51 -25.68
N THR A 15 -1.59 -11.23 -25.94
CA THR A 15 -2.77 -10.81 -26.66
C THR A 15 -2.44 -9.46 -27.26
N GLU A 16 -3.25 -9.01 -28.21
CA GLU A 16 -2.99 -7.74 -28.85
C GLU A 16 -4.16 -7.16 -29.62
N ASN A 17 -4.12 -5.85 -29.78
CA ASN A 17 -5.09 -5.12 -30.54
C ASN A 17 -4.47 -3.76 -30.77
N GLU A 18 -5.19 -2.87 -31.43
CA GLU A 18 -4.61 -1.57 -31.72
C GLU A 18 -4.31 -0.66 -30.52
N ILE A 19 -4.81 -0.96 -29.32
CA ILE A 19 -4.52 -0.09 -28.18
C ILE A 19 -3.61 -0.67 -27.10
N VAL A 20 -3.61 -1.98 -26.93
CA VAL A 20 -2.76 -2.58 -25.92
C VAL A 20 -2.16 -3.94 -26.28
N ARG A 21 -0.95 -4.15 -25.81
CA ARG A 21 -0.20 -5.39 -26.02
C ARG A 21 -0.01 -6.05 -24.66
N ILE A 22 -0.57 -7.24 -24.48
CA ILE A 22 -0.44 -7.94 -23.22
C ILE A 22 0.40 -9.20 -23.35
N HIS A 23 1.38 -9.31 -22.46
CA HIS A 23 2.28 -10.45 -22.41
C HIS A 23 2.33 -10.90 -20.95
N VAL A 24 2.07 -12.19 -20.74
CA VAL A 24 2.02 -12.73 -19.41
C VAL A 24 2.77 -14.03 -19.20
N GLU A 25 3.53 -14.06 -18.12
CA GLU A 25 4.29 -15.24 -17.76
C GLU A 25 3.75 -15.63 -16.39
N LEU A 26 2.89 -16.64 -16.38
CA LEU A 26 2.26 -17.10 -15.15
C LEU A 26 3.05 -18.18 -14.43
N PRO A 27 3.55 -17.88 -13.21
CA PRO A 27 4.31 -18.85 -12.43
C PRO A 27 3.37 -19.86 -11.77
N ARG A 28 3.70 -21.14 -11.84
CA ARG A 28 2.84 -22.13 -11.22
C ARG A 28 3.56 -23.31 -10.60
N LEU A 29 3.21 -23.59 -9.35
CA LEU A 29 3.76 -24.76 -8.66
C LEU A 29 2.91 -25.97 -9.01
N LYS A 30 3.55 -27.11 -9.16
CA LYS A 30 2.83 -28.34 -9.49
C LYS A 30 3.53 -29.53 -8.87
N TYR A 31 2.77 -30.58 -8.57
CA TYR A 31 3.34 -31.79 -8.00
C TYR A 31 3.98 -31.58 -6.64
N LEU A 32 3.35 -30.72 -5.85
CA LEU A 32 3.83 -30.43 -4.52
C LEU A 32 3.27 -31.45 -3.54
N LYS A 33 4.01 -31.70 -2.47
CA LYS A 33 3.57 -32.65 -1.47
C LYS A 33 2.31 -32.11 -0.80
N ASP A 34 2.25 -30.78 -0.68
CA ASP A 34 1.11 -30.08 -0.08
C ASP A 34 0.30 -29.37 -1.19
N SER A 35 -0.80 -29.98 -1.59
CA SER A 35 -1.62 -29.43 -2.66
C SER A 35 -2.44 -28.20 -2.28
N ASN A 36 -2.80 -28.06 -1.01
CA ASN A 36 -3.55 -26.88 -0.60
C ASN A 36 -2.63 -25.68 -0.70
N PHE A 37 -1.36 -25.93 -0.41
CA PHE A 37 -0.38 -24.88 -0.46
C PHE A 37 -0.20 -24.42 -1.92
N GLU A 38 -0.17 -25.39 -2.82
CA GLU A 38 -0.01 -25.15 -4.23
C GLU A 38 -1.18 -24.37 -4.84
N GLU A 39 -2.38 -24.63 -4.35
CA GLU A 39 -3.54 -23.92 -4.88
C GLU A 39 -3.59 -22.48 -4.41
N LYS A 40 -3.49 -22.25 -3.11
CA LYS A 40 -3.56 -20.89 -2.60
C LYS A 40 -2.46 -20.02 -3.18
N PHE A 41 -1.30 -20.63 -3.45
CA PHE A 41 -0.18 -19.86 -3.99
C PHE A 41 -0.39 -19.50 -5.44
N ASN A 42 -0.73 -20.52 -6.23
CA ASN A 42 -0.97 -20.35 -7.65
C ASN A 42 -2.10 -19.39 -8.03
N SER A 43 -3.19 -19.40 -7.28
CA SER A 43 -4.29 -18.51 -7.61
C SER A 43 -4.02 -17.12 -7.06
N GLU A 44 -3.32 -17.05 -5.95
CA GLU A 44 -3.00 -15.77 -5.33
C GLU A 44 -2.14 -14.93 -6.28
N VAL A 45 -1.14 -15.59 -6.88
CA VAL A 45 -0.23 -14.90 -7.81
C VAL A 45 -0.95 -14.68 -9.15
N GLU A 46 -1.87 -15.57 -9.47
CA GLU A 46 -2.62 -15.44 -10.70
C GLU A 46 -3.60 -14.28 -10.56
N GLU A 47 -4.09 -14.06 -9.34
CA GLU A 47 -5.03 -12.99 -9.08
C GLU A 47 -4.37 -11.64 -9.30
N LYS A 48 -3.15 -11.51 -8.81
CA LYS A 48 -2.37 -10.29 -8.93
C LYS A 48 -2.02 -9.96 -10.37
N ILE A 49 -1.79 -10.98 -11.17
CA ILE A 49 -1.44 -10.78 -12.58
C ILE A 49 -2.65 -10.25 -13.36
N LYS A 50 -3.79 -10.92 -13.20
CA LYS A 50 -4.98 -10.50 -13.90
C LYS A 50 -5.31 -9.07 -13.51
N LYS A 51 -5.16 -8.74 -12.23
CA LYS A 51 -5.45 -7.40 -11.77
C LYS A 51 -4.52 -6.38 -12.44
N PHE A 52 -3.22 -6.63 -12.40
CA PHE A 52 -2.26 -5.72 -13.01
C PHE A 52 -2.60 -5.52 -14.46
N VAL A 53 -2.89 -6.62 -15.14
CA VAL A 53 -3.22 -6.59 -16.55
C VAL A 53 -4.52 -5.85 -16.87
N ASN A 54 -5.57 -6.08 -16.08
CA ASN A 54 -6.84 -5.40 -16.32
C ASN A 54 -6.78 -3.93 -15.98
N GLU A 55 -5.76 -3.54 -15.23
CA GLU A 55 -5.59 -2.15 -14.87
C GLU A 55 -4.91 -1.46 -16.05
N VAL A 56 -3.91 -2.11 -16.63
CA VAL A 56 -3.22 -1.53 -17.77
C VAL A 56 -4.12 -1.52 -19.01
N LYS A 57 -5.20 -2.29 -18.96
CA LYS A 57 -6.14 -2.33 -20.09
C LYS A 57 -7.15 -1.22 -19.92
N GLY A 58 -7.77 -1.15 -18.75
CA GLY A 58 -8.76 -0.10 -18.50
C GLY A 58 -8.15 1.27 -18.73
N ILE A 59 -6.85 1.39 -18.54
CA ILE A 59 -6.14 2.64 -18.70
C ILE A 59 -5.87 2.93 -20.15
N ALA A 60 -5.75 1.89 -20.95
CA ALA A 60 -5.53 2.04 -22.37
C ALA A 60 -6.90 2.37 -22.99
N GLN A 61 -7.94 1.79 -22.41
CA GLN A 61 -9.29 2.02 -22.88
C GLN A 61 -9.72 3.45 -22.71
N GLU A 62 -9.55 3.97 -21.50
CA GLU A 62 -9.94 5.33 -21.23
C GLU A 62 -9.11 6.31 -22.04
N ASP A 63 -7.79 6.21 -21.97
CA ASP A 63 -6.94 7.11 -22.73
C ASP A 63 -7.31 7.11 -24.19
N HIS A 64 -7.70 5.95 -24.70
CA HIS A 64 -8.10 5.86 -26.09
C HIS A 64 -9.50 6.43 -26.24
N ASP A 65 -10.40 6.06 -25.34
CA ASP A 65 -11.77 6.55 -25.36
C ASP A 65 -11.78 8.09 -25.37
N LYS A 66 -10.90 8.67 -24.55
CA LYS A 66 -10.81 10.13 -24.46
C LYS A 66 -9.85 10.63 -25.53
N ASP A 67 -9.62 9.76 -26.51
CA ASP A 67 -8.76 10.07 -27.64
C ASP A 67 -7.51 10.86 -27.25
N VAL A 68 -6.65 10.24 -26.45
CA VAL A 68 -5.41 10.89 -26.02
C VAL A 68 -4.27 9.88 -26.05
N GLN A 69 -4.54 8.70 -26.58
CA GLN A 69 -3.51 7.68 -26.67
C GLN A 69 -2.75 8.00 -27.95
N HIS A 70 -1.44 8.08 -27.85
CA HIS A 70 -0.64 8.39 -29.02
C HIS A 70 -0.05 7.12 -29.63
N THR A 71 0.16 6.11 -28.79
CA THR A 71 0.72 4.85 -29.24
C THR A 71 0.13 3.73 -28.41
N PRO A 72 0.28 2.47 -28.84
CA PRO A 72 -0.26 1.33 -28.11
C PRO A 72 0.43 1.14 -26.77
N TYR A 73 -0.34 0.92 -25.71
CA TYR A 73 0.25 0.69 -24.40
C TYR A 73 0.54 -0.80 -24.28
N GLU A 74 1.37 -1.17 -23.30
CA GLU A 74 1.70 -2.56 -23.09
C GLU A 74 1.93 -2.93 -21.62
N ALA A 75 1.65 -4.19 -21.32
CA ALA A 75 1.84 -4.73 -19.99
C ALA A 75 2.66 -6.00 -20.17
N TYR A 76 3.82 -6.08 -19.52
CA TYR A 76 4.66 -7.26 -19.66
C TYR A 76 5.07 -7.86 -18.31
N VAL A 77 4.45 -8.98 -17.98
CA VAL A 77 4.73 -9.70 -16.75
C VAL A 77 5.63 -10.88 -17.07
N SER A 78 6.85 -10.83 -16.54
CA SER A 78 7.82 -11.87 -16.80
C SER A 78 8.30 -12.50 -15.50
N VAL A 79 8.63 -13.79 -15.56
CA VAL A 79 9.14 -14.52 -14.40
C VAL A 79 10.63 -14.78 -14.57
N ASP A 80 11.40 -14.58 -13.50
CA ASP A 80 12.84 -14.79 -13.52
C ASP A 80 13.26 -15.67 -12.32
N VAL A 81 13.59 -16.93 -12.60
CA VAL A 81 13.98 -17.88 -11.56
C VAL A 81 15.44 -17.67 -11.14
N ARG A 82 15.67 -17.52 -9.85
CA ARG A 82 17.01 -17.30 -9.34
C ARG A 82 17.57 -18.59 -8.82
N TYR A 83 16.68 -19.40 -8.27
CA TYR A 83 17.10 -20.67 -7.75
C TYR A 83 16.00 -21.71 -7.89
N GLU A 84 16.35 -22.84 -8.49
CA GLU A 84 15.39 -23.91 -8.64
C GLU A 84 16.02 -25.19 -8.12
N GLY A 85 15.71 -25.51 -6.88
CA GLY A 85 16.26 -26.72 -6.29
C GLY A 85 15.14 -27.67 -5.93
N LYS A 86 15.49 -28.75 -5.26
CA LYS A 86 14.52 -29.74 -4.84
C LYS A 86 13.72 -29.19 -3.67
N ASP A 87 14.45 -28.68 -2.68
CA ASP A 87 13.80 -28.18 -1.49
C ASP A 87 13.61 -26.68 -1.39
N PHE A 88 13.86 -25.93 -2.46
CA PHE A 88 13.70 -24.48 -2.41
C PHE A 88 13.51 -23.84 -3.78
N LEU A 89 12.76 -22.75 -3.81
CA LEU A 89 12.51 -22.06 -5.06
C LEU A 89 12.51 -20.55 -4.83
N SER A 90 13.32 -19.83 -5.62
CA SER A 90 13.41 -18.37 -5.50
C SER A 90 13.24 -17.72 -6.86
N PHE A 91 12.21 -16.89 -7.00
CA PHE A 91 11.98 -16.22 -8.28
C PHE A 91 11.31 -14.86 -8.16
N VAL A 92 11.54 -14.05 -9.18
CA VAL A 92 10.98 -12.70 -9.24
C VAL A 92 9.85 -12.63 -10.26
N VAL A 93 8.89 -11.76 -10.00
CA VAL A 93 7.83 -11.53 -10.95
C VAL A 93 7.93 -10.05 -11.28
N TYR A 94 8.15 -9.73 -12.55
CA TYR A 94 8.28 -8.34 -12.97
C TYR A 94 7.01 -7.86 -13.63
N TYR A 95 6.51 -6.72 -13.15
CA TYR A 95 5.30 -6.10 -13.68
C TYR A 95 5.70 -4.84 -14.42
N TYR A 96 5.86 -4.97 -15.73
CA TYR A 96 6.25 -3.83 -16.57
C TYR A 96 5.02 -3.21 -17.20
N GLN A 97 5.09 -1.91 -17.44
CA GLN A 97 3.97 -1.19 -18.02
C GLN A 97 4.47 0.02 -18.77
N PHE A 98 3.78 0.33 -19.86
CA PHE A 98 4.11 1.51 -20.65
C PHE A 98 2.78 2.10 -21.05
N THR A 99 2.36 3.10 -20.31
CA THR A 99 1.11 3.76 -20.58
C THR A 99 1.43 5.16 -21.10
N GLY A 100 2.59 5.26 -21.75
CA GLY A 100 3.05 6.53 -22.30
C GLY A 100 4.38 6.94 -21.70
N GLY A 101 4.93 8.05 -22.19
CA GLY A 101 6.20 8.51 -21.67
C GLY A 101 7.33 8.00 -22.54
N ALA A 102 8.57 8.36 -22.20
CA ALA A 102 9.73 7.92 -22.97
C ALA A 102 10.06 6.48 -22.63
N HIS A 103 9.69 6.06 -21.43
CA HIS A 103 9.88 4.69 -20.97
C HIS A 103 8.73 4.29 -20.04
N GLY A 104 8.67 3.01 -19.68
CA GLY A 104 7.61 2.54 -18.81
C GLY A 104 8.07 2.33 -17.38
N ILE A 105 7.15 1.92 -16.51
CA ILE A 105 7.47 1.68 -15.11
C ILE A 105 7.51 0.19 -14.80
N THR A 106 8.55 -0.22 -14.07
CA THR A 106 8.68 -1.63 -13.68
C THR A 106 8.71 -1.76 -12.17
N PHE A 107 7.86 -2.64 -11.65
CA PHE A 107 7.88 -2.90 -10.23
C PHE A 107 7.92 -4.43 -10.18
N PHE A 108 8.41 -5.01 -9.09
CA PHE A 108 8.55 -6.46 -9.00
C PHE A 108 8.33 -7.05 -7.61
N GLU A 109 8.17 -8.37 -7.59
CA GLU A 109 7.95 -9.10 -6.35
C GLU A 109 8.82 -10.36 -6.32
N THR A 110 9.31 -10.71 -5.14
CA THR A 110 10.13 -11.88 -5.02
C THR A 110 9.41 -12.96 -4.23
N TYR A 111 9.73 -14.20 -4.53
CA TYR A 111 9.11 -15.32 -3.84
C TYR A 111 10.20 -16.28 -3.47
N ASN A 112 10.33 -16.49 -2.17
CA ASN A 112 11.31 -17.40 -1.64
C ASN A 112 10.50 -18.47 -0.95
N ILE A 113 10.44 -19.61 -1.62
CA ILE A 113 9.65 -20.74 -1.15
C ILE A 113 10.42 -21.97 -0.71
N ASP A 114 10.25 -22.27 0.55
CA ASP A 114 10.83 -23.46 1.13
C ASP A 114 9.83 -24.57 0.74
N LEU A 115 10.25 -25.43 -0.19
CA LEU A 115 9.42 -26.52 -0.70
C LEU A 115 9.33 -27.75 0.22
N LYS A 116 10.30 -27.89 1.11
CA LYS A 116 10.30 -29.00 2.05
C LYS A 116 9.11 -28.84 2.99
N ASN A 117 9.03 -27.68 3.63
CA ASN A 117 7.97 -27.37 4.58
C ASN A 117 6.83 -26.54 3.98
N SER A 118 6.81 -26.43 2.65
CA SER A 118 5.77 -25.67 1.96
C SER A 118 5.53 -24.33 2.63
N LYS A 119 6.48 -23.40 2.54
CA LYS A 119 6.34 -22.09 3.17
C LYS A 119 7.02 -20.92 2.45
N VAL A 120 6.32 -19.81 2.33
CA VAL A 120 6.87 -18.61 1.69
C VAL A 120 7.62 -17.82 2.79
N LEU A 121 8.89 -17.55 2.55
CA LEU A 121 9.69 -16.85 3.52
C LEU A 121 9.98 -15.39 3.22
N LYS A 122 10.02 -14.58 4.26
CA LYS A 122 10.36 -13.18 4.13
C LYS A 122 11.74 -13.12 4.75
N LEU A 123 12.51 -12.06 4.45
CA LEU A 123 13.87 -11.97 4.97
C LEU A 123 14.01 -12.13 6.49
N TYR A 124 13.08 -11.57 7.26
CA TYR A 124 13.18 -11.69 8.71
C TYR A 124 12.93 -13.11 9.24
N ASP A 125 12.58 -14.03 8.34
CA ASP A 125 12.36 -15.43 8.73
C ASP A 125 13.68 -16.20 8.68
N ILE A 126 14.61 -15.69 7.87
CA ILE A 126 15.90 -16.30 7.65
C ILE A 126 17.04 -15.71 8.48
N ILE A 127 17.03 -14.41 8.67
CA ILE A 127 18.09 -13.82 9.46
C ILE A 127 17.58 -12.94 10.59
N LYS A 128 18.42 -12.82 11.62
CA LYS A 128 18.08 -12.04 12.78
C LYS A 128 18.33 -10.56 12.54
N GLU A 129 17.44 -9.74 13.08
CA GLU A 129 17.51 -8.28 12.96
C GLU A 129 18.92 -7.73 13.11
N GLU A 130 19.70 -8.27 14.03
CA GLU A 130 21.06 -7.79 14.27
C GLU A 130 21.95 -7.99 13.06
N ALA A 131 21.41 -8.56 11.99
CA ALA A 131 22.21 -8.79 10.79
C ALA A 131 22.15 -7.58 9.88
N GLU A 132 21.23 -6.68 10.18
CA GLU A 132 21.05 -5.49 9.36
C GLU A 132 22.28 -4.63 9.17
N ASP A 133 22.90 -4.19 10.26
CA ASP A 133 24.09 -3.35 10.15
C ASP A 133 25.14 -3.98 9.27
N THR A 134 25.30 -5.29 9.41
CA THR A 134 26.29 -5.99 8.61
C THR A 134 25.97 -5.90 7.11
N ILE A 135 24.69 -6.06 6.78
CA ILE A 135 24.23 -6.01 5.40
C ILE A 135 24.31 -4.62 4.79
N LYS A 136 23.94 -3.61 5.57
CA LYS A 136 24.00 -2.26 5.04
C LYS A 136 25.44 -1.84 4.84
N SER A 137 26.30 -2.23 5.75
CA SER A 137 27.71 -1.90 5.63
C SER A 137 28.23 -2.49 4.33
N ASN A 138 27.86 -3.73 4.06
CA ASN A 138 28.28 -4.42 2.84
C ASN A 138 27.83 -3.66 1.58
N ILE A 139 26.55 -3.33 1.52
CA ILE A 139 25.99 -2.61 0.40
C ILE A 139 26.65 -1.25 0.23
N LEU A 140 26.93 -0.56 1.33
CA LEU A 140 27.56 0.76 1.26
C LEU A 140 28.95 0.69 0.67
N LYS A 141 29.70 -0.35 1.03
CA LYS A 141 31.04 -0.53 0.48
C LYS A 141 30.85 -0.75 -1.01
N GLN A 142 29.87 -1.59 -1.32
CA GLN A 142 29.53 -1.96 -2.68
C GLN A 142 29.10 -0.77 -3.53
N ILE A 143 28.50 0.24 -2.91
CA ILE A 143 28.08 1.42 -3.65
C ILE A 143 29.25 2.35 -3.88
N GLU A 144 30.04 2.56 -2.84
CA GLU A 144 31.21 3.42 -2.94
C GLU A 144 32.25 2.86 -3.91
N GLN A 145 32.28 1.53 -4.07
CA GLN A 145 33.23 0.89 -4.97
C GLN A 145 33.04 1.45 -6.36
N ASN A 146 31.80 1.81 -6.69
CA ASN A 146 31.51 2.38 -8.00
C ASN A 146 30.36 3.38 -7.88
N ASN A 147 30.53 4.29 -6.92
CA ASN A 147 29.56 5.34 -6.63
C ASN A 147 29.13 6.11 -7.86
N THR A 148 30.02 6.20 -8.83
CA THR A 148 29.73 6.93 -10.05
C THR A 148 28.46 6.41 -10.71
N ASP A 149 27.95 5.27 -10.25
CA ASP A 149 26.74 4.66 -10.82
C ASP A 149 25.47 4.95 -10.03
N PHE A 150 25.63 5.34 -8.78
CA PHE A 150 24.48 5.61 -7.93
C PHE A 150 24.25 7.10 -7.70
N PHE A 151 23.14 7.42 -7.04
CA PHE A 151 22.84 8.80 -6.72
C PHE A 151 23.70 9.09 -5.51
N PRO A 152 24.25 10.30 -5.43
CA PRO A 152 25.08 10.67 -4.29
C PRO A 152 24.41 10.42 -2.94
N ASP A 153 23.08 10.47 -2.90
CA ASP A 153 22.38 10.25 -1.64
C ASP A 153 21.97 8.79 -1.45
N ALA A 154 22.43 7.92 -2.35
CA ALA A 154 22.11 6.50 -2.28
C ALA A 154 22.46 5.95 -0.90
N PRO A 155 23.71 6.12 -0.48
CA PRO A 155 24.20 5.66 0.81
C PRO A 155 23.24 6.01 1.95
N MSE A 156 22.74 7.24 1.91
CA MSE A 156 21.81 7.74 2.91
C MSE A 156 20.52 6.93 2.95
O MSE A 156 19.96 6.71 4.02
CB MSE A 156 21.48 9.20 2.62
CG MSE A 156 20.36 9.74 3.47
SE MSE A 156 20.82 9.52 5.37
CE MSE A 156 21.07 11.42 5.72
N ASN A 157 20.04 6.48 1.78
CA ASN A 157 18.80 5.71 1.73
C ASN A 157 19.01 4.28 2.18
N ILE A 158 20.18 3.73 1.93
CA ILE A 158 20.48 2.40 2.39
C ILE A 158 20.49 2.40 3.93
N LEU A 159 20.94 3.52 4.53
CA LEU A 159 20.99 3.65 5.98
C LEU A 159 19.58 3.85 6.51
N LYS A 160 18.76 4.50 5.70
CA LYS A 160 17.38 4.76 6.06
C LYS A 160 16.53 3.51 5.83
N ASP A 161 16.88 2.76 4.80
CA ASP A 161 16.15 1.58 4.39
C ASP A 161 15.95 0.46 5.41
N ASP A 162 14.76 -0.12 5.37
CA ASP A 162 14.41 -1.23 6.22
C ASP A 162 14.72 -2.44 5.35
N ILE A 163 15.93 -2.95 5.50
CA ILE A 163 16.38 -4.09 4.74
C ILE A 163 15.45 -5.28 4.85
N PHE A 164 14.87 -5.48 6.02
CA PHE A 164 14.01 -6.62 6.24
C PHE A 164 12.65 -6.60 5.56
N SER A 165 12.39 -5.59 4.76
CA SER A 165 11.12 -5.55 4.06
C SER A 165 11.42 -5.34 2.57
N ARG A 166 12.70 -5.45 2.23
CA ARG A 166 13.18 -5.27 0.87
C ARG A 166 12.96 -6.51 0.01
N GLU A 167 12.69 -6.34 -1.28
CA GLU A 167 12.53 -7.52 -2.10
C GLU A 167 13.89 -8.20 -2.18
N PHE A 168 13.89 -9.53 -2.28
CA PHE A 168 15.15 -10.28 -2.34
C PHE A 168 14.98 -11.66 -2.92
N THR A 169 16.09 -12.22 -3.37
CA THR A 169 16.10 -13.57 -3.91
C THR A 169 17.18 -14.35 -3.19
N ILE A 170 17.26 -15.65 -3.46
CA ILE A 170 18.25 -16.52 -2.84
C ILE A 170 18.96 -17.36 -3.88
N SER A 171 20.20 -17.73 -3.57
CA SER A 171 20.95 -18.58 -4.47
C SER A 171 21.85 -19.40 -3.60
N LYS A 172 22.38 -20.49 -4.12
CA LYS A 172 23.25 -21.31 -3.32
C LYS A 172 24.47 -20.50 -2.91
N ASP A 173 24.89 -19.57 -3.78
CA ASP A 173 26.05 -18.74 -3.50
C ASP A 173 25.79 -17.63 -2.47
N GLY A 174 24.54 -17.17 -2.37
CA GLY A 174 24.23 -16.14 -1.40
C GLY A 174 22.84 -15.51 -1.41
N LEU A 175 22.76 -14.38 -0.71
CA LEU A 175 21.53 -13.59 -0.60
C LEU A 175 21.61 -12.42 -1.58
N ILE A 176 20.53 -12.16 -2.31
CA ILE A 176 20.53 -11.06 -3.25
C ILE A 176 19.46 -10.01 -2.94
N ILE A 177 19.88 -8.86 -2.44
CA ILE A 177 18.95 -7.77 -2.13
C ILE A 177 18.67 -6.96 -3.40
N MSE A 178 17.39 -6.70 -3.68
CA MSE A 178 17.00 -6.02 -4.90
C MSE A 178 16.23 -4.75 -4.72
O MSE A 178 15.38 -4.68 -3.85
CB MSE A 178 16.20 -6.98 -5.73
CG MSE A 178 16.86 -8.33 -5.78
SE MSE A 178 15.57 -9.66 -6.50
CE MSE A 178 15.41 -9.01 -8.32
N TYR A 179 16.53 -3.75 -5.53
CA TYR A 179 15.86 -2.46 -5.48
C TYR A 179 15.27 -2.12 -6.84
N PRO A 180 14.37 -1.14 -6.87
CA PRO A 180 13.73 -0.74 -8.13
C PRO A 180 14.51 0.44 -8.73
N HIS A 181 14.00 1.01 -9.82
CA HIS A 181 14.67 2.16 -10.40
C HIS A 181 14.45 3.34 -9.45
N TYR A 182 15.20 4.41 -9.67
CA TYR A 182 15.09 5.64 -8.89
C TYR A 182 15.34 5.66 -7.39
N ASP A 183 15.40 4.52 -6.73
CA ASP A 183 15.65 4.54 -5.29
C ASP A 183 17.11 4.82 -5.00
N LEU A 184 18.00 4.18 -5.75
CA LEU A 184 19.42 4.33 -5.51
C LEU A 184 20.17 4.79 -6.74
N ALA A 185 19.51 4.80 -7.89
CA ALA A 185 20.19 5.20 -9.10
C ALA A 185 19.25 5.60 -10.20
N PRO A 186 19.77 6.26 -11.22
CA PRO A 186 18.96 6.70 -12.35
C PRO A 186 18.40 5.50 -13.15
N TYR A 187 17.24 5.71 -13.76
CA TYR A 187 16.59 4.64 -14.54
C TYR A 187 17.55 4.00 -15.52
N ALA A 188 18.51 4.79 -16.02
CA ALA A 188 19.52 4.30 -16.96
C ALA A 188 20.43 3.27 -16.32
N SER A 189 20.71 3.43 -15.03
CA SER A 189 21.57 2.49 -14.33
C SER A 189 20.95 1.09 -14.25
N GLY A 190 19.63 1.04 -14.27
CA GLY A 190 18.91 -0.23 -14.18
C GLY A 190 18.43 -0.52 -12.77
N MSE A 191 18.05 -1.76 -12.51
CA MSE A 191 17.55 -2.12 -11.19
C MSE A 191 18.64 -2.78 -10.39
O MSE A 191 19.04 -3.92 -10.66
CB MSE A 191 16.34 -3.04 -11.33
CG MSE A 191 15.25 -2.42 -12.20
SE MSE A 191 13.68 -3.62 -12.49
CE MSE A 191 13.03 -3.38 -10.72
N PRO A 192 19.19 -2.06 -9.39
CA PRO A 192 20.27 -2.45 -8.47
C PRO A 192 19.97 -3.71 -7.67
N GLU A 193 20.92 -4.62 -7.69
CA GLU A 193 20.82 -5.87 -6.97
C GLU A 193 22.13 -5.99 -6.24
N PHE A 194 22.09 -6.28 -4.95
CA PHE A 194 23.30 -6.42 -4.18
C PHE A 194 23.46 -7.81 -3.64
N VAL A 195 24.56 -8.45 -4.00
CA VAL A 195 24.84 -9.80 -3.56
C VAL A 195 25.48 -9.82 -2.18
N ILE A 196 25.12 -10.79 -1.37
CA ILE A 196 25.69 -10.91 -0.02
C ILE A 196 26.07 -12.37 0.21
N PRO A 197 27.38 -12.68 0.24
CA PRO A 197 27.87 -14.05 0.45
C PRO A 197 27.29 -14.62 1.74
N TRP A 198 26.92 -15.90 1.71
CA TRP A 198 26.33 -16.50 2.90
C TRP A 198 27.22 -16.46 4.13
N ASN A 199 28.50 -16.78 3.97
CA ASN A 199 29.40 -16.78 5.11
C ASN A 199 29.49 -15.43 5.83
N VAL A 200 29.24 -14.36 5.11
CA VAL A 200 29.33 -13.03 5.72
C VAL A 200 28.15 -12.74 6.64
N ILE A 201 27.11 -13.56 6.58
CA ILE A 201 25.92 -13.35 7.42
C ILE A 201 25.47 -14.66 8.07
N GLU A 202 26.20 -15.73 7.76
CA GLU A 202 25.93 -17.05 8.31
C GLU A 202 25.60 -16.90 9.81
N LYS A 203 26.44 -16.16 10.51
CA LYS A 203 26.28 -15.92 11.93
C LYS A 203 24.88 -15.55 12.42
N PHE A 204 24.05 -14.96 11.56
CA PHE A 204 22.70 -14.53 11.98
C PHE A 204 21.53 -15.36 11.44
N LEU A 205 21.78 -16.59 11.01
CA LEU A 205 20.70 -17.42 10.50
C LEU A 205 19.73 -17.93 11.58
N LYS A 206 18.46 -18.09 11.20
CA LYS A 206 17.42 -18.59 12.10
C LYS A 206 16.71 -19.73 11.43
N TYR A 207 17.18 -20.05 10.24
CA TYR A 207 16.51 -20.97 9.35
C TYR A 207 17.49 -21.29 8.20
N ASP A 208 17.31 -22.49 7.62
CA ASP A 208 18.32 -23.38 6.98
C ASP A 208 19.05 -22.81 5.77
N ILE A 209 20.16 -23.50 5.51
CA ILE A 209 21.13 -23.27 4.43
C ILE A 209 21.27 -24.65 3.77
N LEU A 210 20.61 -25.64 4.36
CA LEU A 210 20.66 -27.00 3.86
C LEU A 210 19.51 -27.33 2.90
N SER A 211 18.55 -26.42 2.78
CA SER A 211 17.45 -26.62 1.84
C SER A 211 18.03 -26.30 0.47
N LEU A 212 19.24 -25.73 0.49
CA LEU A 212 19.96 -25.33 -0.71
C LEU A 212 20.90 -26.39 -1.27
N LEU A 213 21.47 -27.22 -0.40
CA LEU A 213 22.38 -28.26 -0.88
C LEU A 213 21.57 -29.44 -1.41
N LYS A 214 21.69 -29.66 -2.71
CA LYS A 214 20.97 -30.73 -3.38
C LYS A 214 21.51 -32.09 -3.02
N GLU A 215 22.73 -32.09 -2.50
CA GLU A 215 23.41 -33.33 -2.15
C GLU A 215 24.11 -33.33 -0.79
N GLY A 216 23.81 -34.35 0.00
CA GLY A 216 24.46 -34.52 1.29
C GLY A 216 25.55 -35.53 0.97
N HIS A 217 25.53 -35.93 -0.30
CA HIS A 217 26.44 -36.88 -0.96
C HIS A 217 25.65 -38.05 -1.55
N MSE B 5 1.90 -1.66 -6.72
CA MSE B 5 0.85 -2.74 -6.64
C MSE B 5 -0.18 -2.45 -5.54
O MSE B 5 0.16 -2.35 -4.35
CB MSE B 5 1.52 -4.11 -6.42
CG MSE B 5 0.60 -5.27 -5.97
SE MSE B 5 -0.47 -6.28 -7.27
CE MSE B 5 0.89 -7.28 -8.15
N LYS B 6 -1.44 -2.33 -5.96
CA LYS B 6 -2.58 -2.06 -5.08
C LYS B 6 -2.69 -3.03 -3.91
N VAL B 7 -3.14 -2.51 -2.79
CA VAL B 7 -3.32 -3.31 -1.59
C VAL B 7 -4.62 -2.80 -0.94
N PHE B 8 -5.29 -1.94 -1.69
CA PHE B 8 -6.53 -1.32 -1.23
C PHE B 8 -7.48 -1.13 -2.40
N GLU B 9 -8.76 -1.27 -2.13
CA GLU B 9 -9.77 -1.07 -3.16
C GLU B 9 -11.02 -0.52 -2.50
N ILE B 10 -11.84 0.15 -3.30
CA ILE B 10 -13.09 0.70 -2.82
C ILE B 10 -14.20 0.14 -3.67
N VAL B 11 -15.00 -0.75 -3.10
CA VAL B 11 -16.12 -1.34 -3.83
C VAL B 11 -17.28 -0.36 -3.75
N LYS B 12 -17.78 0.08 -4.90
CA LYS B 12 -18.90 1.03 -4.94
C LYS B 12 -20.23 0.41 -5.37
N SER B 13 -21.29 0.74 -4.63
CA SER B 13 -22.61 0.21 -4.94
C SER B 13 -23.72 1.13 -4.47
N SER B 14 -24.95 0.82 -4.89
CA SER B 14 -26.09 1.63 -4.51
C SER B 14 -27.40 0.90 -4.79
N THR B 15 -28.47 1.35 -4.13
CA THR B 15 -29.81 0.79 -4.28
C THR B 15 -30.74 1.95 -4.04
N GLU B 16 -31.79 2.06 -4.83
CA GLU B 16 -32.72 3.15 -4.66
C GLU B 16 -34.15 2.78 -4.98
N ASN B 17 -35.08 3.13 -4.09
CA ASN B 17 -36.50 2.91 -4.34
C ASN B 17 -37.23 4.21 -4.02
N GLU B 18 -38.49 4.16 -3.59
CA GLU B 18 -39.21 5.41 -3.32
C GLU B 18 -39.07 6.01 -1.92
N ILE B 19 -38.80 5.18 -0.91
CA ILE B 19 -38.65 5.69 0.44
C ILE B 19 -37.21 6.11 0.75
N VAL B 20 -36.25 5.31 0.31
CA VAL B 20 -34.85 5.63 0.58
C VAL B 20 -33.90 5.40 -0.61
N ARG B 21 -32.81 6.16 -0.62
CA ARG B 21 -31.79 6.08 -1.66
C ARG B 21 -30.47 5.78 -0.93
N ILE B 22 -29.69 4.84 -1.44
CA ILE B 22 -28.45 4.47 -0.79
C ILE B 22 -27.23 4.35 -1.70
N HIS B 23 -26.09 4.80 -1.20
CA HIS B 23 -24.83 4.74 -1.93
C HIS B 23 -23.77 4.33 -0.94
N VAL B 24 -23.08 3.24 -1.23
CA VAL B 24 -22.06 2.74 -0.34
C VAL B 24 -20.72 2.53 -0.98
N GLU B 25 -19.72 3.19 -0.43
CA GLU B 25 -18.36 3.05 -0.92
C GLU B 25 -17.67 2.32 0.22
N LEU B 26 -17.40 1.03 -0.03
CA LEU B 26 -16.80 0.15 0.93
C LEU B 26 -15.29 -0.04 0.78
N PRO B 27 -14.52 0.29 1.82
CA PRO B 27 -13.07 0.13 1.72
C PRO B 27 -12.62 -1.31 2.02
N ARG B 28 -11.59 -1.76 1.32
CA ARG B 28 -11.08 -3.11 1.50
C ARG B 28 -9.58 -3.25 1.30
N LEU B 29 -8.94 -3.93 2.22
CA LEU B 29 -7.51 -4.21 2.13
C LEU B 29 -7.47 -5.48 1.33
N LYS B 30 -6.38 -5.73 0.61
CA LYS B 30 -6.26 -6.94 -0.20
C LYS B 30 -4.81 -7.29 -0.44
N TYR B 31 -4.51 -8.58 -0.45
CA TYR B 31 -3.14 -9.08 -0.68
C TYR B 31 -2.17 -8.82 0.48
N LEU B 32 -2.68 -8.75 1.70
CA LEU B 32 -1.80 -8.53 2.84
C LEU B 32 -1.28 -9.86 3.32
N LYS B 33 -0.02 -9.92 3.76
CA LYS B 33 0.51 -11.17 4.27
C LYS B 33 -0.28 -11.45 5.51
N ASP B 34 -0.52 -10.39 6.30
CA ASP B 34 -1.28 -10.54 7.53
C ASP B 34 -2.75 -10.86 7.19
N SER B 35 -3.04 -12.15 7.05
CA SER B 35 -4.37 -12.60 6.72
C SER B 35 -5.41 -12.07 7.68
N ASN B 36 -5.28 -12.43 8.95
CA ASN B 36 -6.24 -12.02 9.96
C ASN B 36 -6.57 -10.53 9.98
N PHE B 37 -5.53 -9.69 9.93
CA PHE B 37 -5.71 -8.24 9.96
C PHE B 37 -6.58 -7.77 8.80
N GLU B 38 -6.30 -8.33 7.63
CA GLU B 38 -7.00 -8.00 6.40
C GLU B 38 -8.50 -8.26 6.41
N GLU B 39 -8.96 -9.29 7.13
CA GLU B 39 -10.38 -9.59 7.17
C GLU B 39 -11.05 -9.01 8.41
N LYS B 40 -10.29 -8.95 9.51
CA LYS B 40 -10.84 -8.41 10.74
C LYS B 40 -11.16 -6.93 10.49
N PHE B 41 -10.26 -6.25 9.80
CA PHE B 41 -10.40 -4.83 9.50
C PHE B 41 -11.50 -4.54 8.49
N ASN B 42 -11.64 -5.41 7.49
CA ASN B 42 -12.65 -5.22 6.47
C ASN B 42 -14.07 -5.58 6.93
N SER B 43 -14.18 -6.55 7.84
CA SER B 43 -15.49 -6.93 8.33
C SER B 43 -16.03 -5.84 9.25
N GLU B 44 -15.14 -5.29 10.08
CA GLU B 44 -15.53 -4.23 11.03
C GLU B 44 -16.07 -2.99 10.34
N VAL B 45 -15.26 -2.36 9.49
CA VAL B 45 -15.67 -1.16 8.79
C VAL B 45 -16.90 -1.42 7.98
N GLU B 46 -17.06 -2.65 7.52
CA GLU B 46 -18.22 -2.98 6.73
C GLU B 46 -19.44 -3.04 7.65
N GLU B 47 -19.26 -3.67 8.80
CA GLU B 47 -20.34 -3.82 9.76
C GLU B 47 -20.90 -2.47 10.21
N LYS B 48 -20.03 -1.46 10.29
CA LYS B 48 -20.47 -0.14 10.70
C LYS B 48 -21.25 0.44 9.53
N ILE B 49 -20.65 0.44 8.35
CA ILE B 49 -21.34 0.97 7.18
C ILE B 49 -22.69 0.25 6.98
N LYS B 50 -22.82 -0.96 7.51
CA LYS B 50 -24.04 -1.74 7.40
C LYS B 50 -25.03 -1.26 8.45
N LYS B 51 -24.53 -1.11 9.67
CA LYS B 51 -25.33 -0.62 10.78
C LYS B 51 -25.92 0.73 10.39
N PHE B 52 -25.05 1.62 9.91
CA PHE B 52 -25.42 2.97 9.49
C PHE B 52 -26.51 2.96 8.45
N VAL B 53 -26.37 2.09 7.45
CA VAL B 53 -27.34 1.98 6.38
C VAL B 53 -28.70 1.49 6.87
N ASN B 54 -28.72 0.43 7.66
CA ASN B 54 -29.98 -0.10 8.17
C ASN B 54 -30.74 0.95 8.98
N GLU B 55 -30.05 1.63 9.89
CA GLU B 55 -30.68 2.65 10.71
C GLU B 55 -31.42 3.64 9.84
N VAL B 56 -30.72 4.19 8.86
CA VAL B 56 -31.33 5.13 7.96
C VAL B 56 -32.54 4.48 7.28
N LYS B 57 -32.45 3.19 7.03
CA LYS B 57 -33.55 2.46 6.39
C LYS B 57 -34.70 2.23 7.35
N GLY B 58 -34.40 1.70 8.53
CA GLY B 58 -35.43 1.45 9.53
C GLY B 58 -36.27 2.69 9.73
N ILE B 59 -35.61 3.83 9.72
CA ILE B 59 -36.26 5.12 9.89
C ILE B 59 -37.12 5.44 8.67
N ALA B 60 -36.54 5.25 7.50
CA ALA B 60 -37.27 5.50 6.25
C ALA B 60 -38.53 4.66 6.24
N GLN B 61 -38.41 3.42 6.72
CA GLN B 61 -39.52 2.50 6.76
C GLN B 61 -40.49 2.89 7.89
N GLN B 69 -42.92 10.10 5.99
CA GLN B 69 -42.09 10.09 4.79
C GLN B 69 -42.53 11.23 3.86
N HIS B 70 -42.02 12.43 4.11
CA HIS B 70 -42.39 13.59 3.29
C HIS B 70 -41.51 13.77 2.07
N THR B 71 -40.52 12.90 1.92
CA THR B 71 -39.59 12.97 0.82
C THR B 71 -38.70 11.73 0.88
N PRO B 72 -37.91 11.46 -0.18
CA PRO B 72 -37.05 10.27 -0.13
C PRO B 72 -35.81 10.49 0.75
N TYR B 73 -35.60 9.62 1.75
CA TYR B 73 -34.44 9.73 2.63
C TYR B 73 -33.19 9.23 1.94
N GLU B 74 -32.04 9.46 2.56
CA GLU B 74 -30.79 9.01 1.97
C GLU B 74 -29.79 8.39 2.91
N ALA B 75 -28.65 8.04 2.34
CA ALA B 75 -27.55 7.43 3.06
C ALA B 75 -26.46 7.34 2.00
N TYR B 76 -25.36 8.04 2.24
CA TYR B 76 -24.28 8.02 1.27
C TYR B 76 -22.95 7.85 2.00
N VAL B 77 -22.34 6.69 1.80
CA VAL B 77 -21.06 6.37 2.40
C VAL B 77 -20.01 6.50 1.32
N SER B 78 -19.03 7.37 1.55
CA SER B 78 -17.96 7.64 0.60
C SER B 78 -16.60 7.53 1.25
N VAL B 79 -15.63 6.99 0.52
CA VAL B 79 -14.28 6.84 1.03
C VAL B 79 -13.30 7.83 0.40
N ASP B 80 -12.53 8.52 1.24
CA ASP B 80 -11.59 9.50 0.74
C ASP B 80 -10.15 9.16 1.12
N VAL B 81 -9.37 8.67 0.16
CA VAL B 81 -7.98 8.31 0.40
C VAL B 81 -7.08 9.55 0.38
N ARG B 82 -6.25 9.70 1.41
CA ARG B 82 -5.34 10.84 1.53
C ARG B 82 -3.91 10.42 1.26
N TYR B 83 -3.63 9.14 1.44
CA TYR B 83 -2.31 8.58 1.16
C TYR B 83 -2.33 7.08 1.08
N GLU B 84 -1.98 6.57 -0.11
CA GLU B 84 -1.92 5.14 -0.37
C GLU B 84 -0.50 4.87 -0.87
N GLY B 85 0.26 4.08 -0.14
CA GLY B 85 1.61 3.80 -0.60
C GLY B 85 2.20 2.50 -0.12
N LYS B 86 1.34 1.59 0.34
CA LYS B 86 1.76 0.29 0.87
C LYS B 86 2.76 0.54 2.00
N ASP B 87 2.49 -0.06 3.15
CA ASP B 87 3.29 0.12 4.37
C ASP B 87 2.51 1.15 5.18
N PHE B 88 1.74 1.96 4.48
CA PHE B 88 0.89 2.95 5.12
C PHE B 88 -0.27 3.39 4.24
N LEU B 89 -1.41 3.62 4.87
CA LEU B 89 -2.62 4.07 4.18
C LEU B 89 -3.39 5.00 5.10
N SER B 90 -3.95 6.06 4.54
CA SER B 90 -4.73 7.01 5.32
C SER B 90 -5.97 7.47 4.54
N PHE B 91 -7.15 7.32 5.14
CA PHE B 91 -8.37 7.73 4.44
C PHE B 91 -9.51 8.05 5.41
N VAL B 92 -10.48 8.81 4.90
CA VAL B 92 -11.65 9.19 5.66
C VAL B 92 -12.85 8.38 5.20
N VAL B 93 -13.74 8.06 6.12
CA VAL B 93 -14.97 7.42 5.71
C VAL B 93 -16.05 8.38 6.18
N TYR B 94 -16.71 9.02 5.20
CA TYR B 94 -17.78 10.00 5.42
C TYR B 94 -19.13 9.33 5.44
N TYR B 95 -19.88 9.55 6.52
CA TYR B 95 -21.22 8.97 6.64
C TYR B 95 -22.27 10.07 6.54
N TYR B 96 -22.76 10.34 5.34
CA TYR B 96 -23.78 11.35 5.14
C TYR B 96 -25.17 10.73 5.20
N GLN B 97 -26.09 11.34 5.93
CA GLN B 97 -27.45 10.83 6.01
C GLN B 97 -28.43 11.98 5.84
N PHE B 98 -29.72 11.70 5.96
CA PHE B 98 -30.71 12.72 5.76
C PHE B 98 -32.14 12.24 5.94
N THR B 99 -32.92 13.05 6.65
CA THR B 99 -34.31 12.74 6.94
C THR B 99 -35.15 13.99 6.67
N GLY B 100 -34.72 14.76 5.68
CA GLY B 100 -35.45 15.97 5.32
C GLY B 100 -35.30 17.12 6.30
N GLY B 101 -34.18 17.15 7.04
CA GLY B 101 -33.98 18.22 8.00
C GLY B 101 -33.51 19.50 7.33
N ALA B 102 -33.84 19.67 6.05
CA ALA B 102 -33.43 20.86 5.32
C ALA B 102 -31.92 20.88 5.11
N HIS B 103 -31.23 19.99 5.81
CA HIS B 103 -29.79 19.89 5.70
C HIS B 103 -29.29 18.48 5.87
N GLY B 104 -28.10 18.21 5.34
CA GLY B 104 -27.54 16.89 5.45
C GLY B 104 -26.60 16.76 6.64
N ILE B 105 -26.85 15.76 7.47
CA ILE B 105 -26.02 15.52 8.64
C ILE B 105 -24.84 14.62 8.27
N THR B 106 -23.63 15.08 8.55
CA THR B 106 -22.45 14.30 8.20
C THR B 106 -21.46 14.10 9.33
N PHE B 107 -21.15 12.84 9.61
CA PHE B 107 -20.13 12.55 10.61
C PHE B 107 -19.13 11.67 9.87
N PHE B 108 -17.86 11.72 10.24
CA PHE B 108 -16.83 10.94 9.56
C PHE B 108 -15.83 10.25 10.51
N GLU B 109 -15.15 9.23 9.99
CA GLU B 109 -14.16 8.48 10.75
C GLU B 109 -12.90 8.34 9.90
N THR B 110 -11.74 8.58 10.51
CA THR B 110 -10.47 8.50 9.80
C THR B 110 -9.75 7.20 10.13
N TYR B 111 -8.94 6.73 9.18
CA TYR B 111 -8.20 5.49 9.36
C TYR B 111 -6.76 5.69 8.90
N ASN B 112 -5.82 5.48 9.82
CA ASN B 112 -4.38 5.63 9.52
C ASN B 112 -3.66 4.32 9.86
N ILE B 113 -3.37 3.56 8.83
CA ILE B 113 -2.79 2.26 9.03
C ILE B 113 -1.33 2.04 8.65
N ASP B 114 -0.62 1.35 9.54
CA ASP B 114 0.76 0.98 9.35
C ASP B 114 0.58 -0.39 8.74
N LEU B 115 0.54 -0.43 7.41
CA LEU B 115 0.37 -1.69 6.72
C LEU B 115 1.55 -2.60 6.99
N LYS B 116 2.73 -2.03 7.18
CA LYS B 116 3.92 -2.83 7.48
C LYS B 116 3.77 -3.60 8.80
N ASN B 117 3.36 -2.89 9.86
CA ASN B 117 3.20 -3.51 11.17
C ASN B 117 1.75 -3.82 11.54
N SER B 118 0.88 -3.78 10.54
CA SER B 118 -0.55 -4.07 10.73
C SER B 118 -1.16 -3.42 11.97
N LYS B 119 -0.93 -2.13 12.17
CA LYS B 119 -1.48 -1.44 13.32
C LYS B 119 -2.29 -0.19 12.93
N VAL B 120 -3.48 -0.07 13.49
CA VAL B 120 -4.33 1.10 13.23
C VAL B 120 -3.82 2.20 14.15
N LEU B 121 -3.35 3.31 13.60
CA LEU B 121 -2.78 4.37 14.42
C LEU B 121 -3.68 5.52 14.90
N LYS B 122 -3.48 5.90 16.16
CA LYS B 122 -4.20 7.00 16.79
C LYS B 122 -3.13 8.09 16.88
N LEU B 123 -3.54 9.35 17.03
CA LEU B 123 -2.57 10.44 17.07
C LEU B 123 -1.49 10.30 18.15
N TYR B 124 -1.89 9.85 19.33
CA TYR B 124 -0.96 9.67 20.44
C TYR B 124 0.11 8.62 20.08
N ASP B 125 -0.26 7.73 19.17
CA ASP B 125 0.65 6.67 18.70
C ASP B 125 1.53 7.18 17.58
N ILE B 126 1.69 8.49 17.44
CA ILE B 126 2.52 9.00 16.37
C ILE B 126 3.44 10.15 16.79
N ILE B 127 2.85 11.27 17.16
CA ILE B 127 3.62 12.44 17.59
C ILE B 127 3.56 12.53 19.10
N LYS B 128 4.47 13.32 19.68
CA LYS B 128 4.47 13.50 21.13
C LYS B 128 3.52 14.63 21.48
N GLU B 129 3.01 14.63 22.70
CA GLU B 129 2.08 15.67 23.13
C GLU B 129 2.68 17.08 23.08
N GLU B 130 3.99 17.15 22.83
CA GLU B 130 4.70 18.41 22.77
C GLU B 130 4.45 19.20 21.48
N ALA B 131 3.80 18.58 20.51
CA ALA B 131 3.52 19.26 19.25
C ALA B 131 2.20 20.05 19.33
N GLU B 132 1.38 19.73 20.32
CA GLU B 132 0.08 20.37 20.49
C GLU B 132 0.08 21.86 20.19
N ASP B 133 0.90 22.60 20.91
CA ASP B 133 0.99 24.04 20.74
C ASP B 133 1.48 24.47 19.38
N THR B 134 2.43 23.72 18.83
CA THR B 134 2.95 24.06 17.52
C THR B 134 1.84 23.86 16.50
N ILE B 135 1.08 22.79 16.68
CA ILE B 135 -0.04 22.46 15.80
C ILE B 135 -1.16 23.51 15.95
N LYS B 136 -1.52 23.84 17.19
CA LYS B 136 -2.55 24.83 17.43
C LYS B 136 -2.15 26.18 16.86
N SER B 137 -0.88 26.51 17.01
CA SER B 137 -0.38 27.76 16.46
C SER B 137 -0.63 27.78 14.97
N ASN B 138 -0.12 26.75 14.31
CA ASN B 138 -0.25 26.61 12.87
C ASN B 138 -1.70 26.75 12.41
N ILE B 139 -2.61 26.05 13.09
CA ILE B 139 -4.05 26.07 12.79
C ILE B 139 -4.60 27.48 12.98
N LEU B 140 -4.19 28.13 14.07
CA LEU B 140 -4.64 29.49 14.35
C LEU B 140 -4.17 30.45 13.28
N LYS B 141 -2.93 30.26 12.86
CA LYS B 141 -2.30 31.06 11.84
C LYS B 141 -3.08 30.88 10.53
N GLN B 142 -3.72 29.73 10.39
CA GLN B 142 -4.51 29.42 9.19
C GLN B 142 -5.92 30.00 9.23
N ILE B 143 -6.55 29.95 10.41
CA ILE B 143 -7.90 30.48 10.57
C ILE B 143 -7.83 31.99 10.38
N GLU B 144 -6.70 32.56 10.79
CA GLU B 144 -6.47 33.98 10.67
C GLU B 144 -6.61 34.37 9.19
N GLN B 145 -5.97 33.60 8.31
CA GLN B 145 -6.01 33.88 6.89
C GLN B 145 -7.32 33.58 6.17
N ASN B 146 -8.38 33.27 6.90
CA ASN B 146 -9.66 33.00 6.27
C ASN B 146 -10.78 33.28 7.25
N ASN B 147 -10.44 33.94 8.35
CA ASN B 147 -11.37 34.28 9.41
C ASN B 147 -12.84 34.39 9.00
N THR B 148 -13.11 34.89 7.80
CA THR B 148 -14.48 35.04 7.35
C THR B 148 -15.26 33.73 7.19
N ASP B 149 -14.55 32.62 7.02
CA ASP B 149 -15.19 31.32 6.89
C ASP B 149 -15.50 30.74 8.27
N PHE B 150 -14.69 31.12 9.26
CA PHE B 150 -14.84 30.64 10.63
C PHE B 150 -15.65 31.53 11.57
N PHE B 151 -16.20 30.92 12.62
CA PHE B 151 -16.95 31.65 13.64
C PHE B 151 -15.91 32.44 14.43
N PRO B 152 -16.30 33.56 15.02
CA PRO B 152 -15.34 34.37 15.78
C PRO B 152 -14.71 33.63 16.95
N ASP B 153 -15.51 32.89 17.70
CA ASP B 153 -15.02 32.15 18.85
C ASP B 153 -14.21 30.92 18.48
N ALA B 154 -13.99 30.71 17.19
CA ALA B 154 -13.24 29.55 16.73
C ALA B 154 -11.82 29.47 17.28
N PRO B 155 -11.01 30.51 17.07
CA PRO B 155 -9.64 30.46 17.59
C PRO B 155 -9.61 30.09 19.07
N MSE B 156 -10.59 30.56 19.83
CA MSE B 156 -10.65 30.24 21.25
C MSE B 156 -10.85 28.73 21.47
O MSE B 156 -10.31 28.14 22.41
CB MSE B 156 -11.77 31.02 21.92
CG MSE B 156 -11.95 30.66 23.40
SE MSE B 156 -10.38 31.07 24.56
CE MSE B 156 -11.00 32.91 25.01
N ASN B 157 -11.62 28.09 20.61
CA ASN B 157 -11.86 26.67 20.71
C ASN B 157 -10.63 25.87 20.30
N ILE B 158 -9.87 26.41 19.36
CA ILE B 158 -8.65 25.74 18.93
C ILE B 158 -7.70 25.75 20.12
N LEU B 159 -7.72 26.85 20.88
CA LEU B 159 -6.87 26.99 22.05
C LEU B 159 -7.19 26.00 23.14
N LYS B 160 -8.47 25.74 23.34
CA LYS B 160 -8.88 24.83 24.39
C LYS B 160 -9.19 23.43 23.91
N ASP B 161 -8.94 23.17 22.63
CA ASP B 161 -9.23 21.86 22.08
C ASP B 161 -8.18 20.79 22.39
N ASP B 162 -8.63 19.54 22.37
CA ASP B 162 -7.77 18.39 22.63
C ASP B 162 -7.47 17.75 21.28
N ILE B 163 -6.40 18.21 20.65
CA ILE B 163 -5.97 17.73 19.35
C ILE B 163 -5.77 16.23 19.22
N PHE B 164 -5.34 15.59 20.31
CA PHE B 164 -5.09 14.17 20.27
C PHE B 164 -6.32 13.30 20.23
N SER B 165 -7.48 13.92 20.38
CA SER B 165 -8.71 13.16 20.33
C SER B 165 -9.47 13.56 19.05
N ARG B 166 -8.76 14.13 18.08
CA ARG B 166 -9.39 14.55 16.84
C ARG B 166 -9.13 13.61 15.68
N GLU B 167 -10.09 13.55 14.78
CA GLU B 167 -9.97 12.74 13.58
C GLU B 167 -8.88 13.44 12.79
N PHE B 168 -8.05 12.67 12.08
CA PHE B 168 -6.95 13.22 11.30
C PHE B 168 -6.53 12.26 10.20
N THR B 169 -5.90 12.78 9.15
CA THR B 169 -5.40 11.94 8.07
C THR B 169 -3.94 12.32 7.77
N ILE B 170 -3.28 11.54 6.93
CA ILE B 170 -1.90 11.82 6.57
C ILE B 170 -1.85 11.97 5.07
N SER B 171 -0.82 12.65 4.59
CA SER B 171 -0.67 12.85 3.16
C SER B 171 0.67 13.53 2.99
N LYS B 172 1.02 13.87 1.76
CA LYS B 172 2.27 14.57 1.53
C LYS B 172 2.05 15.87 2.30
N ASP B 173 3.08 16.70 2.41
CA ASP B 173 2.94 17.96 3.13
C ASP B 173 2.91 17.70 4.63
N GLY B 174 2.02 16.79 5.06
CA GLY B 174 1.92 16.46 6.48
C GLY B 174 0.55 16.21 7.06
N LEU B 175 0.49 16.11 8.38
CA LEU B 175 -0.73 15.87 9.16
C LEU B 175 -1.91 16.78 8.84
N ILE B 176 -3.11 16.19 8.76
CA ILE B 176 -4.32 16.95 8.50
C ILE B 176 -5.31 16.81 9.64
N ILE B 177 -5.45 17.84 10.47
CA ILE B 177 -6.40 17.80 11.57
C ILE B 177 -7.77 18.17 10.98
N MSE B 178 -8.78 17.38 11.30
CA MSE B 178 -10.11 17.60 10.73
C MSE B 178 -11.24 17.82 11.70
O MSE B 178 -11.31 17.20 12.76
CB MSE B 178 -10.46 16.42 9.83
CG MSE B 178 -9.39 16.11 8.82
SE MSE B 178 -9.61 14.31 8.02
CE MSE B 178 -10.40 14.81 6.37
N TYR B 179 -12.13 18.74 11.32
CA TYR B 179 -13.28 19.10 12.13
C TYR B 179 -14.56 18.90 11.36
N PRO B 180 -15.67 18.73 12.09
CA PRO B 180 -17.02 18.52 11.60
C PRO B 180 -17.65 19.89 11.43
N HIS B 181 -18.89 19.92 10.95
CA HIS B 181 -19.64 21.15 10.73
C HIS B 181 -19.95 21.80 12.07
N TYR B 182 -20.18 23.11 12.06
CA TYR B 182 -20.52 23.83 13.28
C TYR B 182 -19.45 24.03 14.36
N ASP B 183 -18.55 23.07 14.51
CA ASP B 183 -17.50 23.19 15.54
C ASP B 183 -16.64 24.44 15.41
N LEU B 184 -16.36 24.85 14.18
CA LEU B 184 -15.54 26.03 13.95
C LEU B 184 -16.13 27.01 12.97
N ALA B 185 -17.13 26.56 12.21
CA ALA B 185 -17.75 27.42 11.23
C ALA B 185 -19.18 27.03 10.89
N PRO B 186 -19.93 27.94 10.26
CA PRO B 186 -21.31 27.64 9.90
C PRO B 186 -21.25 26.53 8.87
N TYR B 187 -22.30 25.73 8.81
CA TYR B 187 -22.36 24.62 7.88
C TYR B 187 -21.77 24.95 6.50
N ALA B 188 -22.24 26.04 5.92
CA ALA B 188 -21.81 26.46 4.58
C ALA B 188 -20.30 26.57 4.34
N SER B 189 -19.50 26.46 5.39
CA SER B 189 -18.05 26.56 5.23
C SER B 189 -17.47 25.16 4.98
N GLY B 190 -18.30 24.15 5.19
CA GLY B 190 -17.86 22.80 5.01
C GLY B 190 -17.21 22.30 6.29
N MSE B 191 -16.52 21.17 6.20
CA MSE B 191 -15.85 20.56 7.34
C MSE B 191 -14.37 20.91 7.33
O MSE B 191 -13.58 20.33 6.58
CB MSE B 191 -16.08 19.07 7.30
CG MSE B 191 -17.56 18.74 7.24
SE MSE B 191 -17.90 16.84 6.87
CE MSE B 191 -17.64 16.88 4.94
N PRO B 192 -13.98 21.88 8.16
CA PRO B 192 -12.63 22.40 8.32
C PRO B 192 -11.52 21.35 8.32
N GLU B 193 -10.42 21.70 7.68
CA GLU B 193 -9.25 20.83 7.60
C GLU B 193 -8.02 21.71 7.77
N PHE B 194 -6.94 21.13 8.26
CA PHE B 194 -5.72 21.89 8.44
C PHE B 194 -4.55 20.98 8.22
N VAL B 195 -3.76 21.32 7.21
CA VAL B 195 -2.58 20.54 6.88
C VAL B 195 -1.40 21.19 7.60
N ILE B 196 -0.94 20.56 8.69
CA ILE B 196 0.20 21.07 9.43
C ILE B 196 1.43 20.44 8.79
N PRO B 197 2.13 21.19 7.92
CA PRO B 197 3.32 20.71 7.23
C PRO B 197 4.24 19.88 8.11
N TRP B 198 4.84 18.84 7.53
CA TRP B 198 5.73 17.94 8.25
C TRP B 198 6.92 18.64 8.90
N ASN B 199 7.67 19.39 8.10
CA ASN B 199 8.84 20.10 8.58
C ASN B 199 8.60 20.70 9.96
N VAL B 200 7.44 21.32 10.15
CA VAL B 200 7.12 21.97 11.42
C VAL B 200 6.79 21.05 12.59
N ILE B 201 6.74 19.73 12.38
CA ILE B 201 6.43 18.85 13.49
C ILE B 201 7.19 17.54 13.57
N GLU B 202 8.01 17.23 12.58
CA GLU B 202 8.76 15.98 12.61
C GLU B 202 9.70 15.90 13.81
N LYS B 203 9.79 16.97 14.60
CA LYS B 203 10.65 16.96 15.77
C LYS B 203 9.99 16.20 16.91
N PHE B 204 8.66 16.27 16.96
CA PHE B 204 7.90 15.61 18.02
C PHE B 204 7.43 14.23 17.59
N LEU B 205 7.96 13.77 16.46
CA LEU B 205 7.61 12.47 15.91
C LEU B 205 8.06 11.30 16.79
#